data_1D3X
#
_entry.id   1D3X
#
_cell.length_a   1.000
_cell.length_b   1.000
_cell.length_c   1.000
_cell.angle_alpha   90.00
_cell.angle_beta   90.00
_cell.angle_gamma   90.00
#
_symmetry.space_group_name_H-M   'P 1'
#
loop_
_entity.id
_entity.type
_entity.pdbx_description
1 polymer "DNA (5'-D(*AP*GP*AP*GP*AP*GP*AP*A)-3')"
2 polymer "DNA (5'-D(*TP*TP*CP*TP*CP*TP*CP*T)-3')"
3 polymer "DNA (5'-D(*TP*CP*TP*CP*TP*CP*TP*T)-3')"
#
loop_
_entity_poly.entity_id
_entity_poly.type
_entity_poly.pdbx_seq_one_letter_code
_entity_poly.pdbx_strand_id
1 'polydeoxyribonucleotide' (DA)(DG)(DA)(DG)(DA)(DG)(DA)(DA) A
2 'polydeoxyribonucleotide' (DT)(DT)(DC)(DT)(DC)(DT)(DC)(DT) B
3 'polydeoxyribonucleotide' (DT)(DC)(DT)(DC)(DT)(DC)(DT)(DT) C
#